data_6MFD
#
_entry.id   6MFD
#
_cell.length_a   134.427
_cell.length_b   145.473
_cell.length_c   77.246
_cell.angle_alpha   90.000
_cell.angle_beta   90.000
_cell.angle_gamma   90.000
#
_symmetry.space_group_name_H-M   'C 2 2 21'
#
loop_
_entity.id
_entity.type
_entity.pdbx_description
1 polymer GphF
2 non-polymer 'ISOBUTYRYL-COENZYME A'
3 non-polymer 'ACETATE ION'
4 non-polymer GLYCEROL
5 water water
#
_entity_poly.entity_id   1
_entity_poly.type   'polypeptide(L)'
_entity_poly.pdbx_seq_one_letter_code
;MHHHHHHSSGVDLGTENLYFQSNAAHRIRHARPSDLDALCALEARCWPAPLRASRAELLRRVTTEPRGCWVLLHEGAIVG
ATYAQRIAGPAALAGARHSELAGLHDPSGAALQLLGLNVDPAVRNHDFGSLLLEFVLAAARLRPGIENVVGVSRCGDYPR
QRAKGLGYEDYVHGRGGGPRDPVLGFHLGHGARIGGIISGYRPEDVDNDGAGVIVIHALRGAAHADAAVPAS
;
_entity_poly.pdbx_strand_id   B,A
#
# COMPACT_ATOMS: atom_id res chain seq x y z
N HIS A 26 -10.60 -16.22 -9.46
CA HIS A 26 -10.20 -14.83 -9.28
C HIS A 26 -9.75 -14.20 -10.58
N ARG A 27 -9.31 -12.94 -10.50
CA ARG A 27 -8.81 -12.20 -11.64
C ARG A 27 -7.45 -11.60 -11.29
N ILE A 28 -6.51 -11.68 -12.24
CA ILE A 28 -5.17 -11.17 -12.07
C ILE A 28 -4.84 -10.28 -13.27
N ARG A 29 -4.18 -9.15 -13.01
CA ARG A 29 -3.86 -8.18 -14.05
C ARG A 29 -2.38 -7.82 -13.98
N HIS A 30 -1.90 -7.21 -15.06
CA HIS A 30 -0.53 -6.71 -15.10
C HIS A 30 -0.35 -5.58 -14.10
N ALA A 31 0.90 -5.37 -13.70
CA ALA A 31 1.22 -4.29 -12.78
C ALA A 31 1.20 -2.94 -13.50
N ARG A 32 0.99 -1.88 -12.73
CA ARG A 32 0.95 -0.52 -13.24
C ARG A 32 1.71 0.39 -12.30
N PRO A 33 2.31 1.47 -12.81
CA PRO A 33 3.05 2.38 -11.93
C PRO A 33 2.18 3.03 -10.87
N SER A 34 0.86 3.04 -11.04
CA SER A 34 -0.03 3.59 -10.01
C SER A 34 -0.13 2.68 -8.80
N ASP A 35 0.24 1.41 -8.93
CA ASP A 35 0.21 0.47 -7.82
C ASP A 35 1.42 0.59 -6.90
N LEU A 36 2.30 1.56 -7.15
CA LEU A 36 3.56 1.65 -6.40
C LEU A 36 3.32 1.81 -4.90
N ASP A 37 2.27 2.54 -4.53
CA ASP A 37 1.97 2.73 -3.11
C ASP A 37 1.62 1.40 -2.43
N ALA A 38 0.81 0.57 -3.10
CA ALA A 38 0.42 -0.71 -2.53
C ALA A 38 1.53 -1.75 -2.65
N LEU A 39 2.34 -1.67 -3.70
CA LEU A 39 3.45 -2.61 -3.84
C LEU A 39 4.50 -2.39 -2.77
N CYS A 40 4.64 -1.15 -2.27
CA CYS A 40 5.56 -0.90 -1.18
C CYS A 40 5.01 -1.42 0.14
N ALA A 41 3.71 -1.21 0.39
CA ALA A 41 3.10 -1.71 1.61
C ALA A 41 3.08 -3.24 1.64
N LEU A 42 2.94 -3.87 0.48
CA LEU A 42 3.06 -5.32 0.41
C LEU A 42 4.50 -5.77 0.69
N GLU A 43 5.47 -5.02 0.18
CA GLU A 43 6.88 -5.35 0.40
C GLU A 43 7.26 -5.22 1.87
N ALA A 44 6.68 -4.24 2.58
CA ALA A 44 7.01 -4.02 3.97
C ALA A 44 6.43 -5.11 4.88
N ARG A 45 5.37 -5.78 4.45
CA ARG A 45 4.77 -6.85 5.25
C ARG A 45 5.41 -8.20 5.00
N CYS A 46 5.85 -8.47 3.77
CA CYS A 46 6.41 -9.78 3.44
C CYS A 46 7.87 -9.93 3.85
N TRP A 47 8.59 -8.83 4.05
CA TRP A 47 10.01 -8.88 4.33
C TRP A 47 10.36 -7.96 5.49
N PRO A 48 11.38 -8.30 6.26
CA PRO A 48 11.91 -7.36 7.25
C PRO A 48 12.64 -6.21 6.57
N ALA A 49 12.95 -5.19 7.36
CA ALA A 49 13.54 -3.97 6.82
C ALA A 49 14.81 -4.21 6.00
N PRO A 50 15.80 -5.00 6.47
CA PRO A 50 17.03 -5.15 5.67
C PRO A 50 16.82 -5.84 4.33
N LEU A 51 15.72 -6.56 4.13
CA LEU A 51 15.50 -7.33 2.92
C LEU A 51 14.39 -6.75 2.04
N ARG A 52 13.90 -5.55 2.35
CA ARG A 52 12.85 -4.94 1.55
C ARG A 52 13.44 -4.21 0.35
N ALA A 53 12.74 -4.31 -0.78
CA ALA A 53 13.12 -3.54 -1.96
C ALA A 53 12.65 -2.10 -1.81
N SER A 54 13.52 -1.17 -2.18
CA SER A 54 13.19 0.25 -2.06
C SER A 54 12.07 0.63 -3.03
N ARG A 55 11.48 1.80 -2.77
CA ARG A 55 10.40 2.28 -3.63
C ARG A 55 10.89 2.49 -5.06
N ALA A 56 12.16 2.88 -5.24
CA ALA A 56 12.70 3.08 -6.58
C ALA A 56 12.91 1.76 -7.31
N GLU A 57 13.25 0.70 -6.59
CA GLU A 57 13.47 -0.60 -7.23
C GLU A 57 12.15 -1.21 -7.70
N LEU A 58 11.10 -1.11 -6.90
CA LEU A 58 9.81 -1.65 -7.29
C LEU A 58 9.26 -0.94 -8.52
N LEU A 59 9.48 0.38 -8.61
CA LEU A 59 9.08 1.11 -9.81
C LEU A 59 9.93 0.74 -11.01
N ARG A 60 11.22 0.43 -10.79
CA ARG A 60 12.08 0.04 -11.90
C ARG A 60 11.66 -1.29 -12.50
N ARG A 61 11.15 -2.21 -11.67
CA ARG A 61 10.75 -3.52 -12.17
C ARG A 61 9.50 -3.43 -13.04
N VAL A 62 8.53 -2.61 -12.62
CA VAL A 62 7.29 -2.51 -13.37
C VAL A 62 7.50 -1.75 -14.69
N THR A 63 8.42 -0.78 -14.70
CA THR A 63 8.65 0.02 -15.90
C THR A 63 9.59 -0.67 -16.88
N THR A 64 10.56 -1.46 -16.39
CA THR A 64 11.51 -2.11 -17.28
C THR A 64 10.83 -3.23 -18.07
N GLU A 65 10.13 -4.13 -17.38
CA GLU A 65 9.41 -5.23 -18.00
C GLU A 65 7.94 -5.09 -17.63
N PRO A 66 7.18 -4.27 -18.38
CA PRO A 66 5.77 -4.07 -18.02
C PRO A 66 4.91 -5.30 -18.26
N ARG A 67 5.20 -6.07 -19.31
CA ARG A 67 4.47 -7.30 -19.57
C ARG A 67 4.94 -8.47 -18.72
N GLY A 68 5.89 -8.25 -17.81
CA GLY A 68 6.40 -9.32 -16.99
C GLY A 68 6.17 -9.12 -15.51
N CYS A 69 5.13 -8.39 -15.15
CA CYS A 69 4.77 -8.16 -13.76
C CYS A 69 3.27 -8.27 -13.60
N TRP A 70 2.85 -9.05 -12.60
CA TRP A 70 1.43 -9.30 -12.36
C TRP A 70 1.11 -9.00 -10.90
N VAL A 71 -0.18 -8.78 -10.65
CA VAL A 71 -0.67 -8.42 -9.32
C VAL A 71 -1.95 -9.21 -9.07
N LEU A 72 -1.95 -10.03 -8.02
CA LEU A 72 -3.11 -10.82 -7.64
C LEU A 72 -3.97 -10.00 -6.69
N LEU A 73 -5.24 -9.80 -7.06
CA LEU A 73 -6.16 -8.99 -6.27
C LEU A 73 -7.13 -9.90 -5.52
N HIS A 74 -7.32 -9.62 -4.24
CA HIS A 74 -8.28 -10.33 -3.40
C HIS A 74 -9.07 -9.30 -2.61
N GLU A 75 -10.37 -9.22 -2.87
CA GLU A 75 -11.25 -8.22 -2.24
C GLU A 75 -10.74 -6.81 -2.49
N GLY A 76 -10.18 -6.58 -3.67
CA GLY A 76 -9.74 -5.25 -4.07
C GLY A 76 -8.41 -4.80 -3.48
N ALA A 77 -7.63 -5.71 -2.92
CA ALA A 77 -6.35 -5.37 -2.32
C ALA A 77 -5.23 -6.14 -3.00
N ILE A 78 -4.07 -5.49 -3.12
CA ILE A 78 -2.89 -6.14 -3.68
C ILE A 78 -2.27 -7.02 -2.60
N VAL A 79 -2.70 -8.27 -2.53
CA VAL A 79 -2.14 -9.22 -1.56
C VAL A 79 -1.05 -10.08 -2.17
N GLY A 80 -0.91 -10.09 -3.50
CA GLY A 80 0.15 -10.84 -4.15
C GLY A 80 0.72 -10.11 -5.34
N ALA A 81 2.03 -10.19 -5.53
CA ALA A 81 2.69 -9.50 -6.64
C ALA A 81 3.92 -10.27 -7.05
N THR A 82 4.18 -10.32 -8.37
CA THR A 82 5.34 -10.97 -8.93
C THR A 82 6.09 -9.98 -9.82
N TYR A 83 7.41 -10.13 -9.85
CA TYR A 83 8.29 -9.28 -10.66
C TYR A 83 9.20 -10.17 -11.48
N ALA A 84 9.31 -9.87 -12.77
CA ALA A 84 10.13 -10.68 -13.67
C ALA A 84 10.65 -9.83 -14.81
N GLN A 85 11.81 -10.19 -15.32
CA GLN A 85 12.40 -9.55 -16.49
C GLN A 85 13.08 -10.62 -17.34
N ARG A 86 13.02 -10.45 -18.66
CA ARG A 86 13.61 -11.42 -19.58
C ARG A 86 15.12 -11.23 -19.60
N ILE A 87 15.85 -12.28 -19.23
CA ILE A 87 17.30 -12.26 -19.27
C ILE A 87 17.78 -13.18 -20.40
N ALA A 88 19.09 -13.13 -20.67
CA ALA A 88 19.64 -13.88 -21.79
C ALA A 88 19.47 -15.38 -21.60
N GLY A 89 19.57 -15.86 -20.37
CA GLY A 89 19.42 -17.27 -20.09
C GLY A 89 19.79 -17.63 -18.66
N PRO A 90 19.61 -18.90 -18.29
CA PRO A 90 19.97 -19.32 -16.93
C PRO A 90 21.46 -19.22 -16.65
N ALA A 91 22.31 -19.22 -17.67
CA ALA A 91 23.74 -19.09 -17.48
C ALA A 91 24.14 -17.66 -17.12
N ALA A 92 23.36 -16.67 -17.55
CA ALA A 92 23.69 -15.27 -17.26
C ALA A 92 23.55 -14.93 -15.79
N LEU A 93 22.96 -15.80 -14.98
CA LEU A 93 22.82 -15.57 -13.55
C LEU A 93 24.09 -15.90 -12.78
N ALA A 94 25.11 -16.44 -13.44
CA ALA A 94 26.34 -16.82 -12.75
C ALA A 94 27.05 -15.59 -12.18
N GLY A 95 27.41 -15.66 -10.90
CA GLY A 95 28.08 -14.55 -10.26
C GLY A 95 27.24 -13.30 -10.11
N ALA A 96 25.92 -13.42 -10.19
CA ALA A 96 25.06 -12.25 -10.09
C ALA A 96 25.04 -11.73 -8.65
N ARG A 97 24.52 -10.51 -8.50
CA ARG A 97 24.42 -9.86 -7.21
C ARG A 97 23.05 -9.23 -7.08
N HIS A 98 22.51 -9.23 -5.86
CA HIS A 98 21.15 -8.75 -5.66
C HIS A 98 21.03 -7.25 -5.94
N SER A 99 22.11 -6.49 -5.75
CA SER A 99 22.07 -5.06 -6.02
C SER A 99 22.25 -4.78 -7.49
N GLU A 100 23.22 -5.43 -8.12
CA GLU A 100 23.52 -5.20 -9.54
C GLU A 100 22.76 -6.20 -10.41
N LEU A 101 21.44 -6.18 -10.29
CA LEU A 101 20.58 -7.16 -10.94
C LEU A 101 19.91 -6.64 -12.21
N ALA A 102 19.83 -5.32 -12.39
CA ALA A 102 19.14 -4.75 -13.53
C ALA A 102 19.91 -4.89 -14.83
N GLY A 103 21.22 -5.09 -14.77
CA GLY A 103 22.03 -5.15 -15.98
C GLY A 103 21.86 -6.42 -16.80
N LEU A 104 21.11 -7.39 -16.30
CA LEU A 104 20.91 -8.66 -17.00
C LEU A 104 19.72 -8.64 -17.94
N HIS A 105 19.02 -7.51 -18.06
CA HIS A 105 17.81 -7.45 -18.87
C HIS A 105 18.15 -7.62 -20.34
N ASP A 106 17.54 -8.63 -20.98
CA ASP A 106 17.74 -8.89 -22.39
C ASP A 106 16.39 -9.19 -23.03
N PRO A 107 15.84 -8.26 -23.83
CA PRO A 107 14.53 -8.50 -24.45
C PRO A 107 14.54 -9.60 -25.51
N SER A 108 15.69 -10.20 -25.82
CA SER A 108 15.74 -11.32 -26.76
C SER A 108 16.39 -12.55 -26.12
N GLY A 109 16.14 -12.78 -24.82
CA GLY A 109 16.69 -13.92 -24.13
C GLY A 109 15.70 -15.07 -24.02
N ALA A 110 16.23 -16.26 -23.74
CA ALA A 110 15.44 -17.48 -23.67
C ALA A 110 14.96 -17.82 -22.26
N ALA A 111 15.15 -16.91 -21.30
CA ALA A 111 14.75 -17.18 -19.93
C ALA A 111 14.09 -15.94 -19.33
N LEU A 112 13.09 -16.17 -18.49
CA LEU A 112 12.41 -15.11 -17.75
C LEU A 112 12.79 -15.28 -16.28
N GLN A 113 13.55 -14.33 -15.75
CA GLN A 113 14.05 -14.40 -14.38
C GLN A 113 13.04 -13.77 -13.44
N LEU A 114 12.55 -14.54 -12.48
CA LEU A 114 11.74 -13.99 -11.41
C LEU A 114 12.60 -13.10 -10.52
N LEU A 115 12.05 -11.95 -10.13
CA LEU A 115 12.73 -11.04 -9.22
C LEU A 115 12.06 -10.97 -7.84
N GLY A 116 10.86 -11.51 -7.70
CA GLY A 116 10.14 -11.50 -6.45
C GLY A 116 8.77 -12.14 -6.59
N LEU A 117 8.35 -12.89 -5.56
CA LEU A 117 7.05 -13.56 -5.58
C LEU A 117 6.55 -13.63 -4.14
N ASN A 118 5.85 -12.58 -3.71
CA ASN A 118 5.40 -12.46 -2.33
C ASN A 118 3.89 -12.50 -2.25
N VAL A 119 3.39 -12.90 -1.08
CA VAL A 119 1.99 -12.79 -0.73
C VAL A 119 1.89 -12.34 0.72
N ASP A 120 0.80 -11.65 1.06
CA ASP A 120 0.68 -11.03 2.36
C ASP A 120 0.66 -12.10 3.46
N PRO A 121 1.44 -11.94 4.53
CA PRO A 121 1.37 -12.91 5.64
C PRO A 121 -0.03 -13.13 6.19
N ALA A 122 -0.92 -12.15 6.06
CA ALA A 122 -2.28 -12.26 6.59
C ALA A 122 -3.17 -13.13 5.72
N VAL A 123 -2.66 -13.69 4.62
CA VAL A 123 -3.48 -14.49 3.71
C VAL A 123 -2.67 -15.67 3.19
N ARG A 124 -1.53 -15.93 3.84
CA ARG A 124 -0.68 -17.04 3.42
C ARG A 124 -1.33 -18.38 3.72
N ASN A 125 -0.79 -19.43 3.08
CA ASN A 125 -1.26 -20.81 3.25
C ASN A 125 -2.71 -20.97 2.78
N HIS A 126 -3.16 -20.12 1.86
CA HIS A 126 -4.45 -20.27 1.20
C HIS A 126 -4.29 -20.62 -0.28
N ASP A 127 -3.17 -21.26 -0.62
CA ASP A 127 -2.86 -21.64 -2.00
C ASP A 127 -2.85 -20.42 -2.93
N PHE A 128 -2.42 -19.27 -2.41
CA PHE A 128 -2.32 -18.05 -3.21
C PHE A 128 -0.96 -17.93 -3.90
N GLY A 129 0.13 -18.20 -3.19
CA GLY A 129 1.45 -18.16 -3.82
C GLY A 129 1.61 -19.20 -4.90
N SER A 130 1.03 -20.39 -4.70
CA SER A 130 1.03 -21.42 -5.73
C SER A 130 0.28 -20.97 -6.97
N LEU A 131 -0.67 -20.04 -6.84
CA LEU A 131 -1.41 -19.56 -7.99
C LEU A 131 -0.59 -18.55 -8.79
N LEU A 132 0.16 -17.69 -8.11
CA LEU A 132 0.98 -16.71 -8.82
C LEU A 132 2.12 -17.38 -9.57
N LEU A 133 2.77 -18.37 -8.94
CA LEU A 133 3.88 -19.04 -9.61
C LEU A 133 3.41 -19.80 -10.85
N GLU A 134 2.29 -20.52 -10.73
CA GLU A 134 1.76 -21.24 -11.88
C GLU A 134 1.21 -20.30 -12.95
N PHE A 135 0.90 -19.06 -12.60
CA PHE A 135 0.47 -18.09 -13.61
C PHE A 135 1.66 -17.56 -14.40
N VAL A 136 2.78 -17.29 -13.72
CA VAL A 136 3.98 -16.84 -14.41
C VAL A 136 4.52 -17.94 -15.31
N LEU A 137 4.47 -19.19 -14.83
CA LEU A 137 4.87 -20.31 -15.68
C LEU A 137 3.94 -20.46 -16.88
N ALA A 138 2.65 -20.17 -16.69
CA ALA A 138 1.71 -20.23 -17.80
C ALA A 138 1.92 -19.07 -18.77
N ALA A 139 2.31 -17.89 -18.27
CA ALA A 139 2.55 -16.75 -19.14
C ALA A 139 3.83 -16.91 -19.94
N ALA A 140 4.83 -17.59 -19.38
CA ALA A 140 6.08 -17.81 -20.10
C ALA A 140 5.92 -18.81 -21.22
N ARG A 141 5.04 -19.80 -21.05
CA ARG A 141 4.78 -20.74 -22.13
C ARG A 141 4.09 -20.08 -23.32
N LEU A 142 3.37 -18.98 -23.08
CA LEU A 142 2.69 -18.26 -24.14
C LEU A 142 3.56 -17.18 -24.77
N ARG A 143 4.50 -16.62 -24.02
CA ARG A 143 5.44 -15.68 -24.61
C ARG A 143 6.47 -16.43 -25.45
N PRO A 144 6.78 -15.96 -26.65
CA PRO A 144 7.68 -16.72 -27.53
C PRO A 144 9.13 -16.62 -27.07
N GLY A 145 9.90 -17.63 -27.45
CA GLY A 145 11.32 -17.66 -27.19
C GLY A 145 11.74 -18.03 -25.79
N ILE A 146 10.83 -17.99 -24.82
CA ILE A 146 11.17 -18.29 -23.43
C ILE A 146 11.29 -19.80 -23.28
N GLU A 147 12.46 -20.26 -22.86
CA GLU A 147 12.72 -21.68 -22.66
C GLU A 147 12.61 -22.11 -21.20
N ASN A 148 12.96 -21.23 -20.27
CA ASN A 148 12.93 -21.56 -18.84
C ASN A 148 12.53 -20.33 -18.04
N VAL A 149 12.03 -20.58 -16.84
CA VAL A 149 11.74 -19.54 -15.86
C VAL A 149 12.72 -19.72 -14.72
N VAL A 150 13.68 -18.79 -14.59
CA VAL A 150 14.75 -18.93 -13.62
C VAL A 150 14.59 -17.90 -12.51
N GLY A 151 15.48 -17.94 -11.53
CA GLY A 151 15.44 -17.02 -10.41
C GLY A 151 16.35 -17.44 -9.29
N VAL A 152 16.76 -16.50 -8.46
CA VAL A 152 17.68 -16.75 -7.34
C VAL A 152 16.82 -16.73 -6.07
N SER A 153 16.50 -17.91 -5.57
CA SER A 153 15.68 -18.04 -4.36
C SER A 153 16.58 -18.00 -3.13
N ARG A 154 16.00 -18.30 -1.97
CA ARG A 154 16.73 -18.30 -0.70
C ARG A 154 16.21 -19.44 0.16
N CYS A 155 16.64 -19.47 1.41
CA CYS A 155 16.18 -20.47 2.39
C CYS A 155 15.72 -19.74 3.65
N GLY A 156 14.47 -19.96 4.03
CA GLY A 156 13.91 -19.31 5.19
C GLY A 156 14.12 -20.02 6.51
N ASP A 157 14.63 -21.25 6.49
CA ASP A 157 14.81 -22.04 7.71
C ASP A 157 16.19 -22.69 7.74
N TYR A 158 17.20 -22.02 7.20
CA TYR A 158 18.57 -22.54 7.23
C TYR A 158 19.26 -22.31 8.58
N PRO A 159 19.11 -21.14 9.23
CA PRO A 159 19.78 -20.95 10.53
C PRO A 159 19.49 -22.04 11.56
N ARG A 160 18.31 -22.67 11.51
CA ARG A 160 18.04 -23.79 12.40
C ARG A 160 18.93 -24.99 12.06
N GLN A 161 19.14 -25.25 10.76
CA GLN A 161 20.03 -26.32 10.34
C GLN A 161 21.49 -25.94 10.41
N ARG A 162 21.80 -24.65 10.54
CA ARG A 162 23.19 -24.22 10.66
C ARG A 162 23.80 -24.68 11.97
N ALA A 163 23.03 -24.61 13.06
CA ALA A 163 23.53 -25.05 14.36
C ALA A 163 23.70 -26.57 14.42
N LYS A 164 22.98 -27.32 13.59
CA LYS A 164 23.11 -28.77 13.54
C LYS A 164 24.34 -29.22 12.76
N GLY A 165 25.18 -28.30 12.31
CA GLY A 165 26.38 -28.63 11.57
C GLY A 165 26.20 -28.82 10.08
N LEU A 166 24.97 -28.69 9.57
CA LEU A 166 24.70 -28.93 8.16
C LEU A 166 25.18 -27.74 7.32
N GLY A 167 25.94 -28.03 6.27
CA GLY A 167 26.40 -27.00 5.37
C GLY A 167 25.27 -26.47 4.50
N TYR A 168 25.50 -25.27 3.94
CA TYR A 168 24.47 -24.65 3.12
C TYR A 168 24.24 -25.43 1.83
N GLU A 169 25.31 -25.84 1.16
CA GLU A 169 25.15 -26.55 -0.11
C GLU A 169 24.47 -27.90 0.10
N ASP A 170 24.81 -28.60 1.18
CA ASP A 170 24.14 -29.86 1.48
C ASP A 170 22.68 -29.65 1.84
N TYR A 171 22.35 -28.50 2.46
CA TYR A 171 20.97 -28.24 2.85
C TYR A 171 20.10 -27.89 1.66
N VAL A 172 20.67 -27.28 0.63
CA VAL A 172 19.89 -26.91 -0.55
C VAL A 172 19.42 -28.16 -1.28
N HIS A 173 20.28 -29.17 -1.40
CA HIS A 173 19.94 -30.41 -2.09
C HIS A 173 19.32 -31.45 -1.17
N GLY A 174 18.89 -31.06 0.03
CA GLY A 174 18.19 -31.96 0.92
C GLY A 174 19.00 -33.13 1.43
N ARG A 175 20.32 -33.03 1.41
CA ARG A 175 21.18 -34.10 1.89
C ARG A 175 21.33 -34.10 3.42
N GLY A 176 20.61 -33.24 4.13
CA GLY A 176 20.73 -33.18 5.57
C GLY A 176 19.92 -34.21 6.33
N GLY A 177 19.10 -34.99 5.63
CA GLY A 177 18.27 -36.01 6.25
C GLY A 177 16.87 -35.54 6.61
N GLY A 178 16.70 -34.25 6.88
CA GLY A 178 15.39 -33.71 7.19
C GLY A 178 14.63 -33.35 5.94
N PRO A 179 13.57 -32.56 6.08
CA PRO A 179 12.76 -32.16 4.93
C PRO A 179 13.37 -30.96 4.24
N ARG A 180 12.75 -30.59 3.11
CA ARG A 180 13.21 -29.46 2.32
C ARG A 180 13.01 -28.16 3.08
N ASP A 181 13.66 -27.11 2.58
CA ASP A 181 13.40 -25.78 3.11
C ASP A 181 12.06 -25.29 2.58
N PRO A 182 11.23 -24.65 3.41
CA PRO A 182 9.91 -24.22 2.94
C PRO A 182 9.95 -23.28 1.75
N VAL A 183 11.03 -22.53 1.57
CA VAL A 183 11.13 -21.62 0.44
C VAL A 183 11.53 -22.38 -0.83
N LEU A 184 12.54 -23.24 -0.73
CA LEU A 184 12.97 -24.00 -1.90
C LEU A 184 11.92 -25.02 -2.32
N GLY A 185 11.26 -25.66 -1.35
CA GLY A 185 10.21 -26.60 -1.66
C GLY A 185 9.04 -26.00 -2.40
N PHE A 186 8.86 -24.68 -2.30
CA PHE A 186 7.81 -24.01 -3.05
C PHE A 186 8.08 -24.07 -4.55
N HIS A 187 9.34 -23.88 -4.96
CA HIS A 187 9.68 -23.99 -6.37
C HIS A 187 9.80 -25.46 -6.80
N LEU A 188 10.45 -26.29 -5.98
CA LEU A 188 10.61 -27.70 -6.32
C LEU A 188 9.28 -28.41 -6.45
N GLY A 189 8.27 -27.98 -5.69
CA GLY A 189 6.96 -28.58 -5.78
C GLY A 189 6.20 -28.25 -7.05
N HIS A 190 6.72 -27.32 -7.87
CA HIS A 190 6.09 -26.93 -9.12
C HIS A 190 7.00 -27.21 -10.32
N GLY A 191 7.83 -28.25 -10.22
CA GLY A 191 8.63 -28.70 -11.34
C GLY A 191 9.99 -28.06 -11.48
N ALA A 192 10.39 -27.20 -10.55
CA ALA A 192 11.70 -26.55 -10.66
C ALA A 192 12.80 -27.50 -10.23
N ARG A 193 14.04 -27.14 -10.56
CA ARG A 193 15.21 -27.90 -10.18
C ARG A 193 16.33 -26.94 -9.78
N ILE A 194 17.21 -27.40 -8.90
CA ILE A 194 18.31 -26.57 -8.42
C ILE A 194 19.36 -26.45 -9.52
N GLY A 195 19.87 -25.24 -9.71
CA GLY A 195 20.82 -24.98 -10.78
C GLY A 195 22.13 -24.36 -10.32
N GLY A 196 22.38 -24.35 -9.02
CA GLY A 196 23.60 -23.83 -8.48
C GLY A 196 23.37 -22.83 -7.36
N ILE A 197 24.47 -22.45 -6.73
CA ILE A 197 24.47 -21.51 -5.61
C ILE A 197 25.35 -20.33 -5.97
N ILE A 198 24.91 -19.13 -5.58
CA ILE A 198 25.64 -17.89 -5.83
C ILE A 198 26.04 -17.32 -4.48
N SER A 199 27.27 -17.58 -4.05
CA SER A 199 27.76 -17.03 -2.80
C SER A 199 28.04 -15.53 -2.96
N GLY A 200 27.79 -14.77 -1.89
CA GLY A 200 27.93 -13.34 -1.96
C GLY A 200 26.91 -12.65 -2.82
N TYR A 201 25.74 -13.26 -3.01
CA TYR A 201 24.71 -12.69 -3.86
C TYR A 201 23.92 -11.60 -3.13
N ARG A 202 23.62 -11.81 -1.86
CA ARG A 202 22.81 -10.88 -1.07
C ARG A 202 23.40 -10.80 0.33
N PRO A 203 24.42 -9.95 0.52
CA PRO A 203 25.11 -9.91 1.82
C PRO A 203 24.22 -9.53 3.00
N GLU A 204 23.12 -8.82 2.77
CA GLU A 204 22.21 -8.50 3.87
C GLU A 204 21.31 -9.67 4.24
N ASP A 205 21.27 -10.73 3.42
CA ASP A 205 20.49 -11.93 3.71
C ASP A 205 21.34 -12.89 4.55
N VAL A 206 21.52 -12.51 5.81
CA VAL A 206 22.40 -13.26 6.70
C VAL A 206 21.87 -14.65 7.01
N ASP A 207 20.57 -14.88 6.85
CA ASP A 207 20.01 -16.21 7.08
C ASP A 207 20.49 -17.23 6.05
N ASN A 208 21.15 -16.80 4.99
CA ASN A 208 21.69 -17.71 3.99
C ASN A 208 23.18 -17.46 3.74
N ASP A 209 23.87 -16.85 4.69
CA ASP A 209 25.30 -16.56 4.57
C ASP A 209 25.58 -15.69 3.34
N GLY A 210 24.63 -14.83 2.99
CA GLY A 210 24.75 -13.97 1.84
C GLY A 210 24.67 -14.65 0.50
N ALA A 211 24.21 -15.90 0.45
CA ALA A 211 24.17 -16.68 -0.77
C ALA A 211 22.74 -16.81 -1.29
N GLY A 212 22.64 -17.16 -2.57
CA GLY A 212 21.35 -17.39 -3.20
C GLY A 212 21.36 -18.71 -3.95
N VAL A 213 20.15 -19.21 -4.21
CA VAL A 213 19.95 -20.51 -4.84
C VAL A 213 19.26 -20.31 -6.18
N ILE A 214 19.86 -20.81 -7.24
CA ILE A 214 19.28 -20.73 -8.57
C ILE A 214 18.27 -21.85 -8.74
N VAL A 215 17.07 -21.49 -9.19
CA VAL A 215 16.03 -22.46 -9.52
C VAL A 215 15.68 -22.29 -10.99
N ILE A 216 15.39 -23.41 -11.66
CA ILE A 216 15.11 -23.42 -13.09
C ILE A 216 13.81 -24.19 -13.32
N HIS A 217 12.82 -23.52 -13.90
CA HIS A 217 11.56 -24.16 -14.28
C HIS A 217 11.66 -24.52 -15.77
N ALA A 218 11.91 -25.79 -16.04
CA ALA A 218 12.07 -26.25 -17.42
C ALA A 218 10.73 -26.18 -18.15
N LEU A 219 10.79 -25.76 -19.42
CA LEU A 219 9.61 -25.64 -20.26
C LEU A 219 9.87 -26.33 -21.59
N ARG A 220 8.79 -26.76 -22.24
CA ARG A 220 8.85 -27.46 -23.52
C ARG A 220 9.77 -28.68 -23.46
N HIS B 26 -7.53 17.48 -16.09
CA HIS B 26 -7.64 17.40 -14.63
C HIS B 26 -7.20 16.02 -14.13
N ARG B 27 -6.08 15.99 -13.42
CA ARG B 27 -5.50 14.75 -12.92
C ARG B 27 -5.25 14.85 -11.43
N ILE B 28 -4.88 13.71 -10.83
CA ILE B 28 -4.61 13.60 -9.40
C ILE B 28 -3.20 13.06 -9.22
N ARG B 29 -2.48 13.59 -8.24
CA ARG B 29 -1.13 13.14 -7.94
C ARG B 29 -0.84 13.36 -6.46
N HIS B 30 0.24 12.74 -5.99
CA HIS B 30 0.66 12.91 -4.60
C HIS B 30 1.13 14.34 -4.36
N ALA B 31 1.09 14.75 -3.09
CA ALA B 31 1.48 16.08 -2.69
C ALA B 31 2.98 16.14 -2.41
N ARG B 32 3.62 17.23 -2.84
CA ARG B 32 5.03 17.49 -2.63
C ARG B 32 5.21 18.63 -1.64
N PRO B 33 6.35 18.70 -0.94
CA PRO B 33 6.62 19.86 -0.08
C PRO B 33 6.67 21.17 -0.86
N SER B 34 6.90 21.12 -2.18
CA SER B 34 6.88 22.32 -2.99
C SER B 34 5.48 22.88 -3.20
N ASP B 35 4.44 22.12 -2.85
CA ASP B 35 3.05 22.56 -2.97
C ASP B 35 2.57 23.32 -1.75
N LEU B 36 3.46 23.58 -0.78
CA LEU B 36 3.04 24.11 0.51
C LEU B 36 2.35 25.46 0.38
N ASP B 37 2.84 26.32 -0.53
CA ASP B 37 2.22 27.63 -0.71
C ASP B 37 0.80 27.50 -1.24
N ALA B 38 0.56 26.53 -2.12
CA ALA B 38 -0.80 26.29 -2.61
C ALA B 38 -1.64 25.54 -1.59
N LEU B 39 -1.03 24.74 -0.73
CA LEU B 39 -1.78 24.05 0.32
C LEU B 39 -2.32 25.03 1.34
N CYS B 40 -1.51 26.02 1.74
CA CYS B 40 -1.99 27.04 2.66
C CYS B 40 -3.03 27.94 2.01
N ALA B 41 -2.94 28.12 0.69
CA ALA B 41 -3.95 28.90 -0.03
C ALA B 41 -5.30 28.19 0.02
N LEU B 42 -5.32 26.89 -0.30
CA LEU B 42 -6.56 26.13 -0.25
C LEU B 42 -7.03 25.94 1.19
N GLU B 43 -6.11 25.97 2.15
CA GLU B 43 -6.50 25.82 3.55
C GLU B 43 -7.22 27.06 4.06
N ALA B 44 -6.63 28.24 3.83
CA ALA B 44 -7.29 29.48 4.22
C ALA B 44 -8.55 29.75 3.42
N ARG B 45 -8.67 29.15 2.23
CA ARG B 45 -9.84 29.35 1.39
C ARG B 45 -11.03 28.47 1.80
N CYS B 46 -10.78 27.41 2.56
CA CYS B 46 -11.83 26.46 2.92
C CYS B 46 -12.14 26.44 4.42
N TRP B 47 -11.41 27.20 5.23
CA TRP B 47 -11.60 27.15 6.67
C TRP B 47 -11.48 28.54 7.27
N PRO B 48 -12.24 28.83 8.32
CA PRO B 48 -12.08 30.11 9.03
C PRO B 48 -10.77 30.13 9.80
N ALA B 49 -10.41 31.33 10.25
CA ALA B 49 -9.17 31.51 11.00
C ALA B 49 -9.05 30.61 12.24
N PRO B 50 -10.09 30.42 13.07
CA PRO B 50 -9.93 29.53 14.23
C PRO B 50 -9.75 28.06 13.86
N LEU B 51 -10.07 27.67 12.62
CA LEU B 51 -9.98 26.28 12.20
C LEU B 51 -8.95 26.03 11.10
N ARG B 52 -8.23 27.06 10.67
CA ARG B 52 -7.22 26.88 9.63
C ARG B 52 -6.03 26.11 10.18
N ALA B 53 -5.60 25.09 9.44
CA ALA B 53 -4.37 24.38 9.78
C ALA B 53 -3.17 25.24 9.41
N SER B 54 -2.20 25.34 10.31
CA SER B 54 -1.05 26.19 10.10
C SER B 54 -0.19 25.66 8.95
N ARG B 55 0.79 26.47 8.55
CA ARG B 55 1.70 26.07 7.49
C ARG B 55 2.56 24.89 7.91
N ALA B 56 3.03 24.89 9.17
CA ALA B 56 3.84 23.79 9.65
C ALA B 56 3.03 22.50 9.76
N GLU B 57 1.76 22.62 10.13
CA GLU B 57 0.91 21.42 10.22
C GLU B 57 0.67 20.80 8.85
N LEU B 58 0.38 21.64 7.85
CA LEU B 58 0.18 21.12 6.50
C LEU B 58 1.45 20.46 5.96
N LEU B 59 2.60 21.04 6.28
CA LEU B 59 3.87 20.44 5.86
C LEU B 59 4.15 19.15 6.62
N ARG B 60 3.69 19.05 7.87
CA ARG B 60 3.88 17.82 8.64
C ARG B 60 3.12 16.66 8.03
N ARG B 61 1.90 16.91 7.54
CA ARG B 61 1.11 15.85 6.94
C ARG B 61 1.73 15.34 5.65
N VAL B 62 2.45 16.20 4.92
CA VAL B 62 3.06 15.78 3.67
C VAL B 62 4.38 15.04 3.92
N THR B 63 5.12 15.40 4.96
CA THR B 63 6.41 14.77 5.21
C THR B 63 6.27 13.45 5.97
N THR B 64 5.42 13.41 6.99
CA THR B 64 5.28 12.19 7.80
C THR B 64 4.49 11.10 7.08
N GLU B 65 3.66 11.45 6.11
CA GLU B 65 2.90 10.48 5.32
C GLU B 65 2.89 10.93 3.86
N PRO B 66 3.99 10.71 3.14
CA PRO B 66 4.02 11.13 1.73
C PRO B 66 3.06 10.37 0.85
N ARG B 67 2.79 9.10 1.15
CA ARG B 67 1.89 8.28 0.35
C ARG B 67 0.45 8.34 0.83
N GLY B 68 0.11 9.29 1.70
CA GLY B 68 -1.25 9.43 2.16
C GLY B 68 -1.89 10.76 1.81
N CYS B 69 -1.19 11.57 1.01
CA CYS B 69 -1.66 12.90 0.63
C CYS B 69 -1.70 13.02 -0.89
N TRP B 70 -2.80 13.57 -1.40
CA TRP B 70 -2.98 13.78 -2.83
C TRP B 70 -3.50 15.18 -3.08
N VAL B 71 -3.32 15.65 -4.32
CA VAL B 71 -3.81 16.95 -4.74
C VAL B 71 -4.50 16.80 -6.10
N LEU B 72 -5.51 17.63 -6.34
CA LEU B 72 -6.23 17.66 -7.60
C LEU B 72 -5.82 18.91 -8.37
N LEU B 73 -5.39 18.72 -9.62
CA LEU B 73 -4.95 19.80 -10.47
C LEU B 73 -6.00 20.08 -11.54
N HIS B 74 -6.43 21.33 -11.63
CA HIS B 74 -7.37 21.77 -12.66
C HIS B 74 -6.80 23.01 -13.32
N GLU B 75 -6.54 22.93 -14.63
CA GLU B 75 -5.97 24.00 -15.43
C GLU B 75 -4.59 24.44 -14.92
N GLY B 76 -3.91 23.58 -14.17
CA GLY B 76 -2.58 23.88 -13.67
C GLY B 76 -2.53 24.44 -12.27
N ALA B 77 -3.62 24.39 -11.51
CA ALA B 77 -3.65 24.91 -10.15
C ALA B 77 -4.20 23.86 -9.21
N ILE B 78 -3.75 23.91 -7.95
CA ILE B 78 -4.19 22.96 -6.93
C ILE B 78 -5.55 23.42 -6.43
N VAL B 79 -6.62 22.80 -6.93
CA VAL B 79 -7.96 23.10 -6.48
C VAL B 79 -8.44 22.14 -5.39
N GLY B 80 -7.85 20.95 -5.29
CA GLY B 80 -8.24 20.00 -4.28
C GLY B 80 -7.02 19.47 -3.55
N ALA B 81 -7.23 19.14 -2.28
CA ALA B 81 -6.17 18.61 -1.44
C ALA B 81 -6.76 17.67 -0.39
N THR B 82 -6.06 16.58 -0.13
CA THR B 82 -6.48 15.62 0.89
C THR B 82 -5.24 15.11 1.63
N TYR B 83 -5.40 14.91 2.93
CA TYR B 83 -4.31 14.47 3.79
C TYR B 83 -4.77 13.29 4.62
N ALA B 84 -3.88 12.32 4.84
CA ALA B 84 -4.22 11.14 5.60
C ALA B 84 -2.98 10.63 6.32
N GLN B 85 -3.21 9.80 7.33
CA GLN B 85 -2.14 9.15 8.07
C GLN B 85 -2.64 7.80 8.57
N ARG B 86 -1.71 6.88 8.79
CA ARG B 86 -2.03 5.54 9.26
C ARG B 86 -2.08 5.52 10.79
N ILE B 87 -3.18 5.03 11.33
CA ILE B 87 -3.34 4.85 12.77
C ILE B 87 -3.61 3.38 13.05
N ALA B 88 -3.59 3.02 14.34
CA ALA B 88 -3.79 1.64 14.74
C ALA B 88 -5.13 1.10 14.26
N GLY B 89 -6.20 1.88 14.46
CA GLY B 89 -7.52 1.49 14.04
C GLY B 89 -8.58 2.47 14.48
N PRO B 90 -9.84 2.18 14.16
CA PRO B 90 -10.93 3.06 14.59
C PRO B 90 -11.04 3.19 16.11
N ALA B 91 -10.55 2.21 16.86
CA ALA B 91 -10.60 2.29 18.32
C ALA B 91 -9.65 3.33 18.88
N ALA B 92 -8.64 3.76 18.09
CA ALA B 92 -7.69 4.77 18.56
C ALA B 92 -8.26 6.18 18.51
N LEU B 93 -9.36 6.40 17.79
CA LEU B 93 -9.97 7.73 17.71
C LEU B 93 -10.78 8.08 18.95
N ALA B 94 -11.08 7.12 19.81
CA ALA B 94 -11.87 7.40 21.00
C ALA B 94 -11.11 8.31 21.94
N GLY B 95 -11.73 9.43 22.30
CA GLY B 95 -11.09 10.38 23.20
C GLY B 95 -9.91 11.11 22.61
N ALA B 96 -9.76 11.09 21.29
CA ALA B 96 -8.65 11.75 20.62
C ALA B 96 -8.88 13.25 20.54
N ARG B 97 -7.81 14.01 20.75
CA ARG B 97 -7.85 15.46 20.66
C ARG B 97 -7.30 15.93 19.33
N HIS B 98 -7.84 17.04 18.82
CA HIS B 98 -7.37 17.57 17.54
C HIS B 98 -5.96 18.13 17.66
N SER B 99 -5.61 18.72 18.81
CA SER B 99 -4.27 19.24 19.00
C SER B 99 -3.25 18.12 19.14
N GLU B 100 -3.56 17.13 19.97
CA GLU B 100 -2.71 15.96 20.17
C GLU B 100 -3.01 14.85 19.16
N LEU B 101 -3.40 15.21 17.94
CA LEU B 101 -3.78 14.21 16.94
C LEU B 101 -2.58 13.58 16.25
N ALA B 102 -1.42 14.23 16.27
CA ALA B 102 -0.24 13.70 15.60
C ALA B 102 0.34 12.48 16.30
N GLY B 103 -0.04 12.21 17.55
CA GLY B 103 0.49 11.07 18.28
C GLY B 103 -0.11 9.73 17.91
N LEU B 104 -1.16 9.72 17.10
CA LEU B 104 -1.82 8.48 16.71
C LEU B 104 -1.19 7.82 15.50
N HIS B 105 -0.15 8.42 14.92
CA HIS B 105 0.45 7.89 13.70
C HIS B 105 1.19 6.59 14.01
N ASP B 106 0.69 5.49 13.47
CA ASP B 106 1.35 4.19 13.57
C ASP B 106 1.61 3.68 12.16
N PRO B 107 2.88 3.53 11.74
CA PRO B 107 3.15 3.05 10.38
C PRO B 107 2.52 1.69 10.10
N SER B 108 2.54 0.79 11.07
CA SER B 108 1.84 -0.50 10.96
C SER B 108 0.44 -0.30 11.51
N GLY B 109 -0.46 0.10 10.62
CA GLY B 109 -1.83 0.39 11.03
C GLY B 109 -2.83 -0.19 10.05
N ALA B 110 -3.98 -0.57 10.58
CA ALA B 110 -5.06 -1.14 9.77
C ALA B 110 -6.06 -0.11 9.30
N ALA B 111 -5.95 1.15 9.75
CA ALA B 111 -6.86 2.21 9.37
C ALA B 111 -6.09 3.41 8.87
N LEU B 112 -6.65 4.07 7.86
CA LEU B 112 -6.07 5.28 7.28
C LEU B 112 -6.97 6.46 7.64
N GLN B 113 -6.50 7.31 8.55
CA GLN B 113 -7.32 8.40 9.07
C GLN B 113 -7.24 9.59 8.12
N LEU B 114 -8.40 10.04 7.64
CA LEU B 114 -8.47 11.27 6.85
C LEU B 114 -8.26 12.46 7.77
N LEU B 115 -7.16 13.20 7.57
CA LEU B 115 -6.92 14.41 8.34
C LEU B 115 -7.55 15.65 7.71
N GLY B 116 -7.96 15.56 6.45
CA GLY B 116 -8.60 16.68 5.79
C GLY B 116 -8.90 16.42 4.33
N LEU B 117 -9.87 17.15 3.79
CA LEU B 117 -10.21 17.07 2.37
C LEU B 117 -10.84 18.40 1.99
N ASN B 118 -10.19 19.13 1.08
CA ASN B 118 -10.58 20.49 0.74
C ASN B 118 -10.69 20.66 -0.76
N VAL B 119 -11.75 21.33 -1.19
CA VAL B 119 -11.95 21.73 -2.59
C VAL B 119 -12.27 23.21 -2.61
N ASP B 120 -11.69 23.93 -3.57
CA ASP B 120 -11.85 25.38 -3.62
C ASP B 120 -13.33 25.72 -3.83
N PRO B 121 -13.86 26.69 -3.10
CA PRO B 121 -15.30 27.04 -3.24
C PRO B 121 -15.68 27.52 -4.63
N ALA B 122 -14.74 28.05 -5.39
CA ALA B 122 -15.02 28.54 -6.74
C ALA B 122 -15.04 27.44 -7.79
N VAL B 123 -15.09 26.17 -7.39
CA VAL B 123 -15.08 25.06 -8.33
C VAL B 123 -15.88 23.90 -7.75
N ARG B 124 -16.51 24.12 -6.60
CA ARG B 124 -17.34 23.09 -5.98
C ARG B 124 -18.55 22.78 -6.85
N ASN B 125 -19.27 21.72 -6.45
CA ASN B 125 -20.44 21.22 -7.17
C ASN B 125 -20.13 20.84 -8.61
N HIS B 126 -18.87 20.52 -8.91
CA HIS B 126 -18.46 20.04 -10.23
C HIS B 126 -17.90 18.62 -10.13
N ASP B 127 -18.37 17.86 -9.14
CA ASP B 127 -17.97 16.46 -8.94
C ASP B 127 -16.47 16.31 -8.70
N PHE B 128 -15.84 17.32 -8.10
CA PHE B 128 -14.43 17.21 -7.73
C PHE B 128 -14.23 16.62 -6.35
N GLY B 129 -15.17 16.87 -5.43
CA GLY B 129 -15.07 16.27 -4.10
C GLY B 129 -15.37 14.78 -4.13
N SER B 130 -16.39 14.36 -4.88
CA SER B 130 -16.70 12.95 -5.00
C SER B 130 -15.59 12.19 -5.72
N LEU B 131 -14.91 12.84 -6.66
CA LEU B 131 -13.79 12.19 -7.34
C LEU B 131 -12.59 12.04 -6.40
N LEU B 132 -12.31 13.08 -5.61
CA LEU B 132 -11.15 13.02 -4.72
C LEU B 132 -11.35 12.05 -3.57
N LEU B 133 -12.58 11.92 -3.06
CA LEU B 133 -12.84 11.00 -1.97
C LEU B 133 -12.81 9.55 -2.46
N GLU B 134 -13.51 9.27 -3.56
CA GLU B 134 -13.50 7.91 -4.09
C GLU B 134 -12.12 7.51 -4.59
N PHE B 135 -11.27 8.47 -4.95
CA PHE B 135 -9.90 8.15 -5.33
C PHE B 135 -9.10 7.67 -4.13
N VAL B 136 -9.28 8.32 -2.97
CA VAL B 136 -8.59 7.88 -1.76
C VAL B 136 -9.09 6.51 -1.33
N LEU B 137 -10.40 6.25 -1.48
CA LEU B 137 -10.94 4.95 -1.10
C LEU B 137 -10.38 3.84 -2.00
N ALA B 138 -10.25 4.11 -3.31
CA ALA B 138 -9.71 3.11 -4.21
C ALA B 138 -8.21 2.93 -3.99
N ALA B 139 -7.49 4.02 -3.73
CA ALA B 139 -6.06 3.92 -3.47
C ALA B 139 -5.78 3.22 -2.14
N ALA B 140 -6.68 3.35 -1.17
CA ALA B 140 -6.53 2.66 0.10
C ALA B 140 -7.00 1.21 0.05
N ARG B 141 -7.90 0.87 -0.88
CA ARG B 141 -8.32 -0.51 -1.02
C ARG B 141 -7.20 -1.40 -1.53
N LEU B 142 -6.40 -0.88 -2.47
CA LEU B 142 -5.33 -1.69 -3.05
C LEU B 142 -4.24 -2.02 -2.03
N ARG B 143 -4.03 -1.15 -1.05
CA ARG B 143 -2.97 -1.37 -0.08
C ARG B 143 -3.37 -2.46 0.91
N PRO B 144 -2.61 -3.55 1.00
CA PRO B 144 -2.98 -4.62 1.94
C PRO B 144 -2.72 -4.21 3.38
N GLY B 145 -3.47 -4.83 4.29
CA GLY B 145 -3.38 -4.53 5.69
C GLY B 145 -4.24 -3.37 6.15
N ILE B 146 -4.67 -2.51 5.24
CA ILE B 146 -5.54 -1.38 5.56
C ILE B 146 -6.98 -1.81 5.24
N GLU B 147 -7.80 -1.94 6.27
CA GLU B 147 -9.16 -2.46 6.12
C GLU B 147 -10.24 -1.38 6.18
N ASN B 148 -9.94 -0.22 6.76
CA ASN B 148 -10.92 0.84 6.90
C ASN B 148 -10.29 2.20 6.63
N VAL B 149 -11.06 3.08 6.01
CA VAL B 149 -10.70 4.48 5.86
C VAL B 149 -11.48 5.26 6.91
N VAL B 150 -10.81 5.68 7.97
CA VAL B 150 -11.46 6.32 9.10
C VAL B 150 -11.15 7.82 9.06
N GLY B 151 -11.80 8.57 9.95
CA GLY B 151 -11.57 9.99 10.04
C GLY B 151 -12.60 10.74 10.87
N VAL B 152 -12.14 11.69 11.67
CA VAL B 152 -13.03 12.52 12.47
C VAL B 152 -13.57 13.64 11.59
N SER B 153 -14.90 13.70 11.47
CA SER B 153 -15.55 14.71 10.64
C SER B 153 -16.21 15.75 11.56
N ARG B 154 -17.12 16.53 11.00
CA ARG B 154 -17.74 17.63 11.73
C ARG B 154 -19.11 17.92 11.13
N CYS B 155 -19.87 18.75 11.83
CA CYS B 155 -21.11 19.31 11.31
C CYS B 155 -20.85 20.69 10.74
N GLY B 156 -21.41 20.96 9.57
CA GLY B 156 -21.23 22.25 8.93
C GLY B 156 -22.42 23.17 9.06
N ASP B 157 -23.54 22.64 9.55
CA ASP B 157 -24.78 23.38 9.65
C ASP B 157 -25.50 23.01 10.96
N TYR B 158 -24.84 23.29 12.09
CA TYR B 158 -25.47 23.01 13.38
C TYR B 158 -25.97 24.27 14.09
N PRO B 159 -25.23 25.39 14.10
CA PRO B 159 -25.75 26.59 14.80
C PRO B 159 -27.13 27.01 14.34
N ARG B 160 -27.54 26.66 13.12
CA ARG B 160 -28.90 26.93 12.69
C ARG B 160 -29.90 25.95 13.29
N GLN B 161 -29.46 24.76 13.70
CA GLN B 161 -30.36 23.78 14.31
C GLN B 161 -30.69 24.11 15.76
N ARG B 162 -29.86 24.92 16.42
CA ARG B 162 -30.15 25.31 17.79
C ARG B 162 -31.42 26.17 17.87
N ALA B 163 -31.79 26.83 16.77
CA ALA B 163 -33.05 27.57 16.75
C ALA B 163 -34.24 26.65 16.90
N LYS B 164 -34.13 25.42 16.42
CA LYS B 164 -35.17 24.41 16.55
C LYS B 164 -35.12 23.68 17.88
N GLY B 165 -34.17 24.01 18.76
CA GLY B 165 -33.97 23.26 19.97
C GLY B 165 -33.41 21.86 19.77
N LEU B 166 -32.93 21.56 18.57
CA LEU B 166 -32.42 20.23 18.26
C LEU B 166 -31.05 20.02 18.90
N GLY B 167 -30.90 18.92 19.63
CA GLY B 167 -29.64 18.60 20.26
C GLY B 167 -28.58 18.20 19.25
N TYR B 168 -27.33 18.17 19.73
CA TYR B 168 -26.21 17.86 18.85
C TYR B 168 -26.23 16.40 18.41
N GLU B 169 -26.37 15.48 19.36
CA GLU B 169 -26.36 14.06 19.02
C GLU B 169 -27.55 13.69 18.15
N ASP B 170 -28.71 14.27 18.41
CA ASP B 170 -29.90 13.98 17.61
C ASP B 170 -29.74 14.50 16.19
N TYR B 171 -29.03 15.62 16.00
CA TYR B 171 -28.84 16.16 14.66
C TYR B 171 -27.81 15.38 13.87
N VAL B 172 -26.79 14.83 14.54
CA VAL B 172 -25.77 14.07 13.84
C VAL B 172 -26.36 12.80 13.24
N HIS B 173 -27.07 12.02 14.05
CA HIS B 173 -27.67 10.77 13.60
C HIS B 173 -28.98 10.98 12.85
N GLY B 174 -29.40 12.22 12.64
CA GLY B 174 -30.62 12.49 11.89
C GLY B 174 -31.90 12.06 12.57
N ARG B 175 -31.86 11.86 13.88
CA ARG B 175 -33.07 11.47 14.62
C ARG B 175 -34.11 12.57 14.52
N GLY B 176 -35.26 12.24 13.93
CA GLY B 176 -36.34 13.21 13.80
C GLY B 176 -35.98 14.44 12.99
N GLY B 177 -34.99 14.35 12.11
CA GLY B 177 -34.56 15.48 11.32
C GLY B 177 -35.02 15.37 9.87
N GLY B 178 -34.83 16.47 9.14
CA GLY B 178 -35.13 16.51 7.74
C GLY B 178 -33.97 16.01 6.90
N PRO B 179 -33.27 16.91 6.24
CA PRO B 179 -32.08 16.52 5.48
C PRO B 179 -30.89 16.30 6.40
N ARG B 180 -29.96 15.48 5.92
CA ARG B 180 -28.72 15.24 6.65
C ARG B 180 -27.83 16.47 6.59
N ASP B 181 -26.86 16.50 7.50
CA ASP B 181 -25.87 17.57 7.48
C ASP B 181 -25.07 17.51 6.17
N PRO B 182 -24.82 18.65 5.52
CA PRO B 182 -24.10 18.60 4.24
C PRO B 182 -22.70 18.03 4.35
N VAL B 183 -22.01 18.25 5.46
CA VAL B 183 -20.66 17.70 5.63
C VAL B 183 -20.74 16.18 5.86
N LEU B 184 -21.56 15.76 6.82
CA LEU B 184 -21.71 14.33 7.07
C LEU B 184 -22.39 13.63 5.91
N GLY B 185 -23.31 14.31 5.22
CA GLY B 185 -23.95 13.72 4.05
C GLY B 185 -22.99 13.44 2.92
N PHE B 186 -21.84 14.13 2.89
CA PHE B 186 -20.82 13.83 1.89
C PHE B 186 -20.18 12.48 2.16
N HIS B 187 -19.84 12.21 3.43
CA HIS B 187 -19.27 10.91 3.77
C HIS B 187 -20.35 9.83 3.73
N LEU B 188 -21.54 10.10 4.28
CA LEU B 188 -22.60 9.12 4.29
C LEU B 188 -23.07 8.78 2.87
N GLY B 189 -22.93 9.72 1.94
CA GLY B 189 -23.31 9.46 0.56
C GLY B 189 -22.38 8.53 -0.19
N HIS B 190 -21.20 8.24 0.35
CA HIS B 190 -20.23 7.36 -0.29
C HIS B 190 -20.03 6.07 0.49
N GLY B 191 -21.06 5.62 1.20
CA GLY B 191 -21.01 4.32 1.86
C GLY B 191 -20.35 4.31 3.23
N ALA B 192 -20.38 5.42 3.94
CA ALA B 192 -19.79 5.51 5.27
C ALA B 192 -20.88 5.42 6.34
N ARG B 193 -20.43 5.14 7.57
CA ARG B 193 -21.31 5.04 8.73
C ARG B 193 -20.72 5.83 9.88
N ILE B 194 -21.59 6.30 10.77
CA ILE B 194 -21.17 7.07 11.93
C ILE B 194 -20.70 6.12 13.02
N GLY B 195 -19.53 6.40 13.58
CA GLY B 195 -18.93 5.52 14.56
C GLY B 195 -19.03 5.98 16.00
N GLY B 196 -19.21 7.27 16.20
CA GLY B 196 -19.31 7.81 17.54
C GLY B 196 -19.19 9.33 17.53
N ILE B 197 -19.10 9.88 18.74
CA ILE B 197 -18.96 11.32 18.93
C ILE B 197 -17.92 11.57 20.01
N ILE B 198 -16.85 12.28 19.67
CA ILE B 198 -15.77 12.57 20.61
C ILE B 198 -16.11 13.87 21.32
N SER B 199 -16.33 13.79 22.63
CA SER B 199 -16.60 14.98 23.43
C SER B 199 -15.31 15.74 23.66
N GLY B 200 -15.27 16.98 23.16
CA GLY B 200 -14.08 17.80 23.31
C GLY B 200 -12.98 17.51 22.31
N TYR B 201 -13.34 17.11 21.09
CA TYR B 201 -12.33 16.83 20.07
C TYR B 201 -11.53 18.08 19.73
N ARG B 202 -12.20 19.21 19.55
CA ARG B 202 -11.54 20.50 19.34
C ARG B 202 -12.34 21.57 20.05
N PRO B 203 -11.89 22.00 21.24
CA PRO B 203 -12.62 23.07 21.94
C PRO B 203 -12.65 24.39 21.19
N GLU B 204 -11.69 24.64 20.30
CA GLU B 204 -11.71 25.86 19.50
C GLU B 204 -12.83 25.85 18.46
N ASP B 205 -13.49 24.72 18.25
CA ASP B 205 -14.56 24.58 17.27
C ASP B 205 -15.89 24.74 18.00
N VAL B 206 -16.47 25.94 17.91
CA VAL B 206 -17.68 26.23 18.67
C VAL B 206 -18.96 25.85 17.92
N ASP B 207 -18.91 25.72 16.60
CA ASP B 207 -20.09 25.33 15.84
C ASP B 207 -20.48 23.88 16.05
N ASN B 208 -19.61 23.08 16.68
CA ASN B 208 -19.92 21.70 17.03
C ASN B 208 -19.87 21.47 18.54
N ASP B 209 -19.92 22.55 19.32
CA ASP B 209 -19.82 22.46 20.78
C ASP B 209 -18.54 21.75 21.22
N GLY B 210 -17.48 21.91 20.43
CA GLY B 210 -16.20 21.30 20.72
C GLY B 210 -16.09 19.84 20.39
N ALA B 211 -17.15 19.21 19.90
CA ALA B 211 -17.16 17.78 19.67
C ALA B 211 -16.79 17.46 18.22
N GLY B 212 -16.48 16.18 17.98
CA GLY B 212 -16.20 15.70 16.66
C GLY B 212 -16.95 14.41 16.39
N VAL B 213 -17.17 14.15 15.10
CA VAL B 213 -17.94 13.00 14.65
C VAL B 213 -17.00 11.99 14.00
N ILE B 214 -17.06 10.75 14.46
CA ILE B 214 -16.22 9.67 13.94
C ILE B 214 -16.92 9.03 12.75
N VAL B 215 -16.21 8.95 11.62
CA VAL B 215 -16.73 8.39 10.38
C VAL B 215 -15.83 7.24 9.96
N ILE B 216 -16.46 6.14 9.52
CA ILE B 216 -15.74 4.92 9.15
C ILE B 216 -16.17 4.52 7.74
N HIS B 217 -15.20 4.47 6.82
CA HIS B 217 -15.42 3.96 5.47
C HIS B 217 -14.89 2.52 5.43
N ALA B 218 -15.81 1.56 5.35
CA ALA B 218 -15.42 0.16 5.29
C ALA B 218 -14.94 -0.18 3.88
N LEU B 219 -13.81 -0.88 3.79
CA LEU B 219 -13.26 -1.29 2.51
C LEU B 219 -13.58 -2.74 2.18
N ARG B 220 -14.28 -3.45 3.06
CA ARG B 220 -14.65 -4.84 2.80
C ARG B 220 -16.06 -4.93 2.23
#